data_2O0G
#
_entry.id   2O0G
#
_cell.length_a   123.629
_cell.length_b   123.629
_cell.length_c   123.629
_cell.angle_alpha   90.000
_cell.angle_beta   90.000
_cell.angle_gamma   90.000
#
_symmetry.space_group_name_H-M   'P 21 3'
#
loop_
_entity.id
_entity.type
_entity.pdbx_description
1 polymer 'Alr2278 protein'
2 non-polymer 'PROTOPORPHYRIN IX CONTAINING FE'
3 non-polymer 'CARBON MONOXIDE'
4 water water
#
_entity_poly.entity_id   1
_entity_poly.type   'polypeptide(L)'
_entity_poly.pdbx_seq_one_letter_code
;MYGLVNKAIQDMISKHHGEDTWEAIKQKAGLEDIDFFVGMEAYSDDVTYHLVGAASEVLGKPAEELLIAFGEYWVTYTSE
EGYGELLASAGDSLPEFMENLDNLHARVGLSFPQLRPPAFECQHTSSKSMELHYQSTRCGLAPMVLGLLHGLGKRFQTKV
EVTQTAFRETGEDHDIFSIKYEDSNLYDD
;
_entity_poly.pdbx_strand_id   A,B
#
loop_
_chem_comp.id
_chem_comp.type
_chem_comp.name
_chem_comp.formula
CMO non-polymer 'CARBON MONOXIDE' 'C O'
HEM non-polymer 'PROTOPORPHYRIN IX CONTAINING FE' 'C34 H32 Fe N4 O4'
#
# COMPACT_ATOMS: atom_id res chain seq x y z
N MET A 1 -6.95 2.69 -10.23
CA MET A 1 -7.52 1.34 -9.94
C MET A 1 -7.94 0.67 -11.23
N TYR A 2 -7.92 -0.66 -11.24
CA TYR A 2 -8.25 -1.38 -12.44
C TYR A 2 -9.70 -1.22 -12.87
N GLY A 3 -9.90 -1.23 -14.18
CA GLY A 3 -11.17 -0.94 -14.81
C GLY A 3 -12.33 -1.67 -14.18
N LEU A 4 -12.07 -2.88 -13.70
CA LEU A 4 -13.14 -3.72 -13.12
C LEU A 4 -13.89 -3.00 -12.00
N VAL A 5 -13.16 -2.19 -11.22
CA VAL A 5 -13.74 -1.40 -10.13
C VAL A 5 -14.72 -0.34 -10.67
N ASN A 6 -14.27 0.40 -11.67
CA ASN A 6 -15.10 1.41 -12.30
C ASN A 6 -16.31 0.82 -13.04
N LYS A 7 -16.09 -0.28 -13.77
CA LYS A 7 -17.20 -1.04 -14.37
C LYS A 7 -18.26 -1.40 -13.34
N ALA A 8 -17.83 -1.86 -12.16
CA ALA A 8 -18.75 -2.27 -11.11
C ALA A 8 -19.55 -1.09 -10.55
N ILE A 9 -18.89 0.03 -10.31
CA ILE A 9 -19.57 1.25 -9.89
C ILE A 9 -20.60 1.62 -10.96
N GLN A 10 -20.14 1.68 -12.21
CA GLN A 10 -21.02 1.97 -13.35
C GLN A 10 -22.24 1.03 -13.35
N ASP A 11 -21.96 -0.27 -13.29
CA ASP A 11 -22.99 -1.29 -13.28
C ASP A 11 -23.95 -1.11 -12.12
N MET A 12 -23.42 -0.87 -10.93
CA MET A 12 -24.27 -0.69 -9.75
C MET A 12 -25.27 0.44 -9.94
N ILE A 13 -24.78 1.59 -10.41
CA ILE A 13 -25.62 2.78 -10.60
C ILE A 13 -26.64 2.60 -11.72
N SER A 14 -26.17 2.08 -12.87
CA SER A 14 -27.03 1.83 -14.03
C SER A 14 -28.20 0.92 -13.68
N LYS A 15 -27.90 -0.17 -12.98
CA LYS A 15 -28.89 -1.18 -12.60
C LYS A 15 -29.92 -0.66 -11.58
N HIS A 16 -29.51 0.27 -10.71
CA HIS A 16 -30.39 0.81 -9.67
C HIS A 16 -31.09 2.11 -10.03
N HIS A 17 -30.44 2.93 -10.88
CA HIS A 17 -30.93 4.29 -11.15
C HIS A 17 -31.16 4.59 -12.64
N GLY A 18 -30.72 3.69 -13.52
CA GLY A 18 -30.97 3.83 -14.95
C GLY A 18 -29.86 4.49 -15.76
N GLU A 19 -29.96 4.37 -17.09
CA GLU A 19 -28.93 4.87 -18.01
C GLU A 19 -28.77 6.39 -18.02
N ASP A 20 -29.86 7.14 -17.81
CA ASP A 20 -29.81 8.59 -17.82
C ASP A 20 -29.01 9.12 -16.64
N THR A 21 -29.35 8.64 -15.44
CA THR A 21 -28.64 9.00 -14.21
C THR A 21 -27.14 8.69 -14.30
N TRP A 22 -26.82 7.55 -14.91
CA TRP A 22 -25.43 7.18 -15.12
C TRP A 22 -24.72 8.20 -16.02
N GLU A 23 -25.39 8.64 -17.08
CA GLU A 23 -24.84 9.62 -18.00
C GLU A 23 -24.62 10.97 -17.31
N ALA A 24 -25.59 11.36 -16.49
CA ALA A 24 -25.47 12.58 -15.68
C ALA A 24 -24.21 12.55 -14.81
N ILE A 25 -24.02 11.44 -14.09
CA ILE A 25 -22.85 11.20 -13.23
C ILE A 25 -21.56 11.17 -14.03
N LYS A 26 -21.57 10.42 -15.14
CA LYS A 26 -20.44 10.30 -16.05
C LYS A 26 -19.95 11.70 -16.44
N GLN A 27 -20.89 12.49 -16.94
CA GLN A 27 -20.67 13.89 -17.33
C GLN A 27 -20.03 14.70 -16.21
N LYS A 28 -20.65 14.68 -15.03
CA LYS A 28 -20.18 15.41 -13.86
C LYS A 28 -18.82 14.92 -13.34
N ALA A 29 -18.54 13.64 -13.51
CA ALA A 29 -17.24 13.08 -13.14
C ALA A 29 -16.12 13.58 -14.05
N GLY A 30 -16.49 14.11 -15.21
CA GLY A 30 -15.52 14.60 -16.19
C GLY A 30 -15.00 13.51 -17.10
N LEU A 31 -15.86 12.54 -17.40
CA LEU A 31 -15.46 11.34 -18.13
C LEU A 31 -16.35 11.05 -19.33
N GLU A 32 -16.82 12.10 -20.01
CA GLU A 32 -17.71 11.89 -21.17
C GLU A 32 -16.96 11.38 -22.41
N ASP A 33 -15.66 11.62 -22.47
CA ASP A 33 -14.83 11.10 -23.55
C ASP A 33 -14.32 9.67 -23.28
N ILE A 34 -15.11 8.91 -22.52
CA ILE A 34 -14.82 7.52 -22.20
C ILE A 34 -16.11 6.71 -22.41
N ASP A 35 -16.16 5.95 -23.51
CA ASP A 35 -17.37 5.22 -23.88
C ASP A 35 -17.64 4.02 -22.96
N PHE A 36 -16.56 3.36 -22.55
CA PHE A 36 -16.66 2.19 -21.68
C PHE A 36 -15.37 2.03 -20.89
N PHE A 37 -15.48 1.39 -19.73
CA PHE A 37 -14.29 1.07 -18.95
C PHE A 37 -13.74 -0.30 -19.39
N VAL A 38 -12.41 -0.40 -19.52
CA VAL A 38 -11.77 -1.65 -19.89
C VAL A 38 -11.34 -2.38 -18.62
N GLY A 39 -11.96 -3.52 -18.36
CA GLY A 39 -11.82 -4.24 -17.10
C GLY A 39 -10.41 -4.60 -16.63
N MET A 40 -9.51 -4.88 -17.57
CA MET A 40 -8.16 -5.34 -17.23
C MET A 40 -7.13 -4.24 -17.43
N GLU A 41 -7.60 -3.01 -17.63
CA GLU A 41 -6.72 -1.86 -17.80
C GLU A 41 -6.64 -1.03 -16.51
N ALA A 42 -5.46 -0.48 -16.24
CA ALA A 42 -5.26 0.35 -15.06
C ALA A 42 -5.65 1.79 -15.34
N TYR A 43 -6.52 2.34 -14.49
CA TYR A 43 -6.90 3.75 -14.56
C TYR A 43 -6.26 4.53 -13.42
N SER A 44 -6.18 5.85 -13.57
CA SER A 44 -5.81 6.71 -12.47
C SER A 44 -6.87 6.61 -11.38
N ASP A 45 -6.42 6.49 -10.12
CA ASP A 45 -7.31 6.46 -8.95
C ASP A 45 -8.34 7.59 -8.98
N ASP A 46 -7.95 8.74 -9.54
CA ASP A 46 -8.81 9.93 -9.66
C ASP A 46 -10.14 9.60 -10.31
N VAL A 47 -10.11 8.70 -11.28
CA VAL A 47 -11.32 8.30 -11.99
C VAL A 47 -12.35 7.79 -10.98
N THR A 48 -11.91 6.93 -10.06
CA THR A 48 -12.81 6.35 -9.08
C THR A 48 -13.34 7.40 -8.11
N TYR A 49 -12.43 8.19 -7.53
CA TYR A 49 -12.84 9.26 -6.62
C TYR A 49 -13.83 10.23 -7.27
N HIS A 50 -13.54 10.67 -8.49
CA HIS A 50 -14.44 11.58 -9.21
C HIS A 50 -15.81 10.96 -9.50
N LEU A 51 -15.81 9.70 -9.89
CA LEU A 51 -17.06 8.95 -10.07
C LEU A 51 -17.91 8.93 -8.81
N VAL A 52 -17.31 8.57 -7.68
CA VAL A 52 -18.02 8.48 -6.41
C VAL A 52 -18.49 9.86 -5.94
N GLY A 53 -17.60 10.85 -6.04
CA GLY A 53 -17.95 12.25 -5.76
C GLY A 53 -19.13 12.73 -6.58
N ALA A 54 -19.08 12.47 -7.89
CA ALA A 54 -20.16 12.87 -8.80
C ALA A 54 -21.47 12.19 -8.48
N ALA A 55 -21.41 10.91 -8.11
CA ALA A 55 -22.62 10.13 -7.83
C ALA A 55 -23.23 10.56 -6.50
N SER A 56 -22.38 10.98 -5.58
CA SER A 56 -22.81 11.53 -4.29
C SER A 56 -23.70 12.76 -4.49
N GLU A 57 -23.26 13.66 -5.37
CA GLU A 57 -24.00 14.87 -5.67
C GLU A 57 -25.28 14.60 -6.47
N VAL A 58 -25.19 13.82 -7.54
CA VAL A 58 -26.36 13.52 -8.37
C VAL A 58 -27.42 12.71 -7.62
N LEU A 59 -26.98 11.77 -6.78
CA LEU A 59 -27.91 10.88 -6.08
C LEU A 59 -28.36 11.41 -4.72
N GLY A 60 -27.63 12.38 -4.18
CA GLY A 60 -27.96 12.98 -2.89
C GLY A 60 -27.68 12.06 -1.72
N LYS A 61 -26.68 11.19 -1.90
CA LYS A 61 -26.22 10.27 -0.87
C LYS A 61 -24.76 10.61 -0.60
N PRO A 62 -24.32 10.51 0.67
CA PRO A 62 -22.90 10.75 0.94
C PRO A 62 -22.01 9.69 0.28
N ALA A 63 -20.80 10.08 -0.12
CA ALA A 63 -19.83 9.16 -0.72
C ALA A 63 -19.68 7.87 0.10
N GLU A 64 -19.49 8.02 1.41
CA GLU A 64 -19.27 6.89 2.31
C GLU A 64 -20.41 5.87 2.23
N GLU A 65 -21.63 6.36 2.06
CA GLU A 65 -22.79 5.49 1.91
C GLU A 65 -22.71 4.70 0.60
N LEU A 66 -22.31 5.37 -0.48
CA LEU A 66 -22.15 4.72 -1.78
C LEU A 66 -21.01 3.69 -1.75
N LEU A 67 -19.96 3.98 -1.00
CA LEU A 67 -18.86 3.03 -0.87
C LEU A 67 -19.33 1.76 -0.17
N ILE A 68 -20.16 1.91 0.87
CA ILE A 68 -20.75 0.76 1.54
C ILE A 68 -21.54 -0.11 0.54
N ALA A 69 -22.48 0.52 -0.17
CA ALA A 69 -23.28 -0.18 -1.16
C ALA A 69 -22.41 -0.86 -2.22
N PHE A 70 -21.38 -0.15 -2.66
CA PHE A 70 -20.46 -0.69 -3.65
C PHE A 70 -19.76 -1.94 -3.11
N GLY A 71 -19.28 -1.85 -1.87
CA GLY A 71 -18.69 -2.99 -1.17
C GLY A 71 -19.59 -4.21 -1.14
N GLU A 72 -20.87 -4.01 -0.87
CA GLU A 72 -21.86 -5.11 -0.89
C GLU A 72 -22.07 -5.66 -2.28
N TYR A 73 -22.11 -4.77 -3.26
CA TYR A 73 -22.35 -5.13 -4.65
C TYR A 73 -21.21 -6.00 -5.22
N TRP A 74 -19.98 -5.73 -4.80
CA TRP A 74 -18.79 -6.29 -5.41
C TRP A 74 -18.67 -7.80 -5.30
N VAL A 75 -19.10 -8.35 -4.17
CA VAL A 75 -19.00 -9.79 -3.93
C VAL A 75 -19.83 -10.56 -4.98
N THR A 76 -21.06 -10.10 -5.22
CA THR A 76 -21.97 -10.70 -6.20
C THR A 76 -21.51 -10.43 -7.62
N TYR A 77 -21.05 -9.21 -7.87
CA TYR A 77 -20.65 -8.78 -9.20
C TYR A 77 -19.44 -9.56 -9.73
N THR A 78 -18.42 -9.78 -8.89
CA THR A 78 -17.24 -10.52 -9.31
C THR A 78 -17.52 -11.98 -9.67
N SER A 79 -18.44 -12.61 -8.95
CA SER A 79 -18.78 -14.01 -9.24
C SER A 79 -19.42 -14.17 -10.62
N GLU A 80 -20.02 -13.10 -11.12
CA GLU A 80 -20.70 -13.11 -12.41
C GLU A 80 -19.81 -12.57 -13.53
N GLU A 81 -18.64 -12.06 -13.19
CA GLU A 81 -17.80 -11.38 -14.16
C GLU A 81 -16.40 -11.97 -14.30
N GLY A 82 -16.24 -13.25 -13.99
CA GLY A 82 -14.98 -13.95 -14.21
C GLY A 82 -14.28 -14.53 -13.00
N TYR A 83 -14.83 -14.28 -11.81
CA TYR A 83 -14.13 -14.61 -10.55
C TYR A 83 -14.91 -15.54 -9.62
N GLY A 84 -15.90 -16.25 -10.15
CA GLY A 84 -16.67 -17.21 -9.36
C GLY A 84 -15.81 -18.31 -8.77
N GLU A 85 -14.93 -18.89 -9.59
CA GLU A 85 -14.03 -19.95 -9.13
C GLU A 85 -13.06 -19.43 -8.09
N LEU A 86 -12.48 -18.27 -8.38
CA LEU A 86 -11.53 -17.64 -7.49
C LEU A 86 -12.14 -17.41 -6.11
N LEU A 87 -13.37 -16.90 -6.08
CA LEU A 87 -14.09 -16.68 -4.82
C LEU A 87 -14.29 -17.97 -4.06
N ALA A 88 -14.73 -19.01 -4.76
CA ALA A 88 -14.98 -20.31 -4.12
C ALA A 88 -13.71 -20.94 -3.54
N SER A 89 -12.56 -20.66 -4.16
CA SER A 89 -11.28 -21.20 -3.66
C SER A 89 -10.75 -20.48 -2.43
N ALA A 90 -11.38 -19.35 -2.09
CA ALA A 90 -11.00 -18.56 -0.91
C ALA A 90 -11.64 -19.03 0.40
N GLY A 91 -12.63 -19.92 0.35
CA GLY A 91 -13.12 -20.53 1.58
C GLY A 91 -14.60 -20.84 1.66
N ASP A 92 -14.96 -21.54 2.73
CA ASP A 92 -16.32 -22.03 2.95
C ASP A 92 -16.98 -21.32 4.11
N SER A 93 -16.28 -20.36 4.70
CA SER A 93 -16.77 -19.61 5.83
C SER A 93 -16.14 -18.23 5.82
N LEU A 94 -16.73 -17.31 6.56
CA LEU A 94 -16.24 -15.93 6.61
C LEU A 94 -14.83 -15.79 7.22
N PRO A 95 -14.59 -16.38 8.42
CA PRO A 95 -13.24 -16.27 8.97
C PRO A 95 -12.16 -16.84 8.05
N GLU A 96 -12.47 -17.94 7.37
CA GLU A 96 -11.52 -18.50 6.39
C GLU A 96 -11.29 -17.53 5.23
N PHE A 97 -12.37 -16.99 4.68
CA PHE A 97 -12.26 -16.08 3.54
C PHE A 97 -11.35 -14.89 3.90
N MET A 98 -11.50 -14.40 5.13
CA MET A 98 -10.71 -13.26 5.58
C MET A 98 -9.21 -13.58 5.70
N GLU A 99 -8.89 -14.80 6.12
CA GLU A 99 -7.50 -15.26 6.17
C GLU A 99 -6.89 -15.30 4.78
N ASN A 100 -7.71 -15.62 3.77
CA ASN A 100 -7.27 -15.78 2.38
C ASN A 100 -7.31 -14.50 1.54
N LEU A 101 -7.58 -13.38 2.17
CA LEU A 101 -7.81 -12.17 1.41
C LEU A 101 -6.59 -11.63 0.66
N ASP A 102 -5.42 -11.61 1.31
CA ASP A 102 -4.18 -11.23 0.62
C ASP A 102 -3.90 -12.18 -0.54
N ASN A 103 -4.03 -13.49 -0.27
CA ASN A 103 -3.85 -14.53 -1.27
C ASN A 103 -4.74 -14.33 -2.49
N LEU A 104 -6.01 -14.04 -2.23
CA LEU A 104 -6.95 -13.79 -3.30
C LEU A 104 -6.51 -12.59 -4.15
N HIS A 105 -6.13 -11.49 -3.49
CA HIS A 105 -5.65 -10.30 -4.20
C HIS A 105 -4.34 -10.53 -4.95
N ALA A 106 -3.54 -11.50 -4.49
CA ALA A 106 -2.31 -11.85 -5.20
C ALA A 106 -2.62 -12.66 -6.47
N ARG A 107 -3.68 -13.46 -6.42
CA ARG A 107 -4.09 -14.30 -7.54
C ARG A 107 -4.77 -13.49 -8.63
N VAL A 108 -5.34 -12.34 -8.24
CA VAL A 108 -5.74 -11.32 -9.19
C VAL A 108 -4.46 -10.63 -9.68
N GLY A 109 -3.50 -10.46 -8.76
CA GLY A 109 -2.22 -9.78 -9.03
C GLY A 109 -1.32 -10.39 -10.09
N LEU A 110 -1.55 -11.66 -10.43
CA LEU A 110 -0.83 -12.31 -11.52
C LEU A 110 -1.42 -11.80 -12.83
N SER A 111 -2.75 -11.73 -12.86
CA SER A 111 -3.52 -11.29 -14.01
C SER A 111 -3.34 -9.78 -14.23
N PHE A 112 -3.54 -9.01 -13.16
CA PHE A 112 -3.39 -7.55 -13.17
C PHE A 112 -2.00 -7.22 -12.58
N PRO A 113 -1.03 -6.85 -13.44
CA PRO A 113 0.35 -6.61 -12.96
C PRO A 113 0.54 -5.37 -12.08
N GLN A 114 0.03 -4.22 -12.52
CA GLN A 114 0.20 -2.94 -11.80
C GLN A 114 -0.85 -2.74 -10.69
N LEU A 115 -1.29 -3.85 -10.09
CA LEU A 115 -2.22 -3.82 -8.97
C LEU A 115 -1.55 -3.25 -7.72
N ARG A 116 -2.29 -2.45 -6.97
CA ARG A 116 -1.83 -1.96 -5.68
C ARG A 116 -2.83 -2.42 -4.60
N PRO A 117 -2.84 -3.73 -4.29
CA PRO A 117 -3.92 -4.24 -3.44
C PRO A 117 -3.75 -3.82 -1.98
N PRO A 118 -4.84 -3.77 -1.21
CA PRO A 118 -4.68 -3.49 0.22
C PRO A 118 -4.13 -4.71 0.95
N ALA A 119 -3.65 -4.51 2.16
CA ALA A 119 -3.22 -5.63 2.99
C ALA A 119 -4.14 -5.77 4.18
N PHE A 120 -4.52 -7.01 4.46
CA PHE A 120 -5.40 -7.35 5.57
C PHE A 120 -4.77 -8.40 6.48
N GLU A 121 -4.88 -8.19 7.79
CA GLU A 121 -4.42 -9.16 8.79
C GLU A 121 -5.53 -9.42 9.81
N CYS A 122 -5.81 -10.70 10.06
CA CYS A 122 -6.79 -11.15 11.05
C CYS A 122 -6.17 -11.59 12.35
N GLN A 123 -6.46 -10.87 13.43
CA GLN A 123 -6.19 -11.37 14.78
C GLN A 123 -7.49 -11.94 15.32
N HIS A 124 -7.58 -13.26 15.43
CA HIS A 124 -8.77 -13.90 15.98
C HIS A 124 -8.80 -13.76 17.49
N THR A 125 -9.95 -13.42 18.04
CA THR A 125 -10.09 -13.21 19.48
C THR A 125 -11.00 -14.28 20.10
N SER A 126 -11.78 -14.93 19.25
CA SER A 126 -12.59 -16.07 19.64
C SER A 126 -13.09 -16.76 18.38
N SER A 127 -13.86 -17.84 18.55
CA SER A 127 -14.45 -18.57 17.43
C SER A 127 -15.63 -17.82 16.80
N LYS A 128 -16.01 -16.69 17.40
CA LYS A 128 -17.10 -15.85 16.88
C LYS A 128 -16.72 -14.36 16.74
N SER A 129 -15.43 -14.04 16.86
CA SER A 129 -14.96 -12.65 16.73
C SER A 129 -13.53 -12.55 16.23
N MET A 130 -13.22 -11.43 15.58
CA MET A 130 -11.84 -11.12 15.18
C MET A 130 -11.61 -9.61 15.05
N GLU A 131 -10.35 -9.20 15.10
CA GLU A 131 -9.92 -7.85 14.73
C GLU A 131 -9.37 -7.91 13.33
N LEU A 132 -9.82 -7.00 12.48
CA LEU A 132 -9.32 -6.94 11.13
C LEU A 132 -8.52 -5.67 10.93
N HIS A 133 -7.26 -5.83 10.55
CA HIS A 133 -6.34 -4.73 10.27
C HIS A 133 -6.27 -4.47 8.77
N TYR A 134 -6.50 -3.21 8.40
CA TYR A 134 -6.58 -2.83 7.01
C TYR A 134 -5.53 -1.76 6.68
N GLN A 135 -4.57 -2.11 5.83
CA GLN A 135 -3.57 -1.14 5.37
C GLN A 135 -3.65 -0.94 3.88
N SER A 136 -3.55 0.32 3.47
CA SER A 136 -3.77 0.71 2.09
C SER A 136 -2.86 1.86 1.68
N THR A 137 -2.52 1.89 0.39
CA THR A 137 -1.87 3.05 -0.23
C THR A 137 -2.87 4.16 -0.53
N ARG A 138 -4.16 3.90 -0.31
CA ARG A 138 -5.22 4.85 -0.66
C ARG A 138 -6.01 5.33 0.56
N CYS A 139 -6.68 6.48 0.41
CA CYS A 139 -7.44 7.10 1.49
C CYS A 139 -8.92 6.96 1.28
N GLY A 140 -9.65 6.86 2.39
CA GLY A 140 -11.10 7.02 2.40
C GLY A 140 -11.92 5.81 1.97
N LEU A 141 -11.30 4.62 1.95
CA LEU A 141 -11.96 3.44 1.43
C LEU A 141 -12.42 2.44 2.48
N ALA A 142 -12.14 2.73 3.76
CA ALA A 142 -12.65 1.90 4.86
C ALA A 142 -14.17 1.59 4.79
N PRO A 143 -15.01 2.57 4.41
CA PRO A 143 -16.45 2.25 4.27
C PRO A 143 -16.70 1.12 3.28
N MET A 144 -15.86 1.02 2.27
CA MET A 144 -15.95 -0.04 1.27
C MET A 144 -15.73 -1.41 1.92
N VAL A 145 -14.76 -1.52 2.82
CA VAL A 145 -14.51 -2.76 3.58
C VAL A 145 -15.74 -3.22 4.34
N LEU A 146 -16.44 -2.26 4.95
CA LEU A 146 -17.63 -2.54 5.72
C LEU A 146 -18.69 -3.23 4.86
N GLY A 147 -18.90 -2.73 3.63
CA GLY A 147 -19.84 -3.34 2.69
C GLY A 147 -19.40 -4.71 2.19
N LEU A 148 -18.09 -4.83 1.94
CA LEU A 148 -17.50 -6.11 1.53
C LEU A 148 -17.76 -7.20 2.56
N LEU A 149 -17.59 -6.84 3.84
CA LEU A 149 -17.81 -7.79 4.93
C LEU A 149 -19.26 -8.25 5.03
N HIS A 150 -20.20 -7.34 4.79
CA HIS A 150 -21.61 -7.72 4.76
C HIS A 150 -21.94 -8.56 3.54
N GLY A 151 -21.38 -8.20 2.39
CA GLY A 151 -21.45 -9.06 1.20
C GLY A 151 -21.05 -10.49 1.54
N LEU A 152 -19.90 -10.65 2.21
CA LEU A 152 -19.39 -11.97 2.58
C LEU A 152 -20.33 -12.68 3.54
N GLY A 153 -20.88 -11.92 4.49
CA GLY A 153 -21.91 -12.42 5.39
C GLY A 153 -23.08 -12.98 4.62
N LYS A 154 -23.56 -12.23 3.63
CA LYS A 154 -24.67 -12.70 2.78
C LYS A 154 -24.27 -13.96 2.03
N ARG A 155 -23.09 -13.94 1.42
CA ARG A 155 -22.54 -15.09 0.73
C ARG A 155 -22.55 -16.37 1.57
N PHE A 156 -22.12 -16.27 2.83
CA PHE A 156 -21.99 -17.45 3.68
C PHE A 156 -23.17 -17.66 4.65
N GLN A 157 -24.34 -17.09 4.32
CA GLN A 157 -25.51 -17.14 5.22
C GLN A 157 -25.07 -17.00 6.68
N THR A 158 -24.27 -15.98 6.93
CA THR A 158 -23.66 -15.72 8.23
C THR A 158 -24.04 -14.32 8.68
N LYS A 159 -24.66 -14.22 9.85
CA LYS A 159 -24.93 -12.94 10.49
C LYS A 159 -23.60 -12.36 10.94
N VAL A 160 -23.44 -11.06 10.74
CA VAL A 160 -22.15 -10.43 10.96
C VAL A 160 -22.35 -9.00 11.44
N GLU A 161 -21.48 -8.55 12.34
CA GLU A 161 -21.49 -7.17 12.82
C GLU A 161 -20.10 -6.58 12.76
N VAL A 162 -20.00 -5.40 12.15
CA VAL A 162 -18.71 -4.77 11.89
C VAL A 162 -18.74 -3.39 12.47
N THR A 163 -17.74 -3.09 13.29
CA THR A 163 -17.60 -1.77 13.88
C THR A 163 -16.14 -1.36 13.75
N GLN A 164 -15.90 -0.21 13.12
CA GLN A 164 -14.55 0.33 13.02
C GLN A 164 -14.13 0.92 14.37
N THR A 165 -12.96 0.51 14.86
CA THR A 165 -12.45 0.93 16.18
C THR A 165 -11.26 1.88 16.08
N ALA A 166 -10.64 1.97 14.91
CA ALA A 166 -9.52 2.86 14.69
C ALA A 166 -9.56 3.43 13.28
N PHE A 167 -9.32 4.73 13.17
CA PHE A 167 -9.45 5.47 11.93
C PHE A 167 -8.17 6.26 11.65
N ARG A 168 -7.60 6.10 10.45
CA ARG A 168 -6.53 6.99 9.98
C ARG A 168 -6.89 8.48 10.17
N GLU A 169 -8.16 8.79 9.94
CA GLU A 169 -8.70 10.17 9.99
C GLU A 169 -8.58 10.86 11.35
N THR A 170 -8.57 10.08 12.43
CA THR A 170 -8.31 10.64 13.76
C THR A 170 -6.81 10.60 14.10
N GLY A 171 -6.00 10.08 13.18
CA GLY A 171 -4.55 10.06 13.36
C GLY A 171 -3.97 8.73 13.77
N GLU A 172 -4.79 7.68 13.83
CA GLU A 172 -4.31 6.32 14.07
C GLU A 172 -3.49 5.80 12.89
N ASP A 173 -2.61 4.84 13.16
CA ASP A 173 -1.72 4.30 12.12
C ASP A 173 -2.46 3.71 10.92
N HIS A 174 -3.39 2.80 11.17
CA HIS A 174 -4.18 2.18 10.11
C HIS A 174 -5.58 1.85 10.65
N ASP A 175 -6.54 1.64 9.74
CA ASP A 175 -7.91 1.29 10.13
C ASP A 175 -7.98 -0.10 10.74
N ILE A 176 -8.78 -0.23 11.78
CA ILE A 176 -9.00 -1.51 12.44
C ILE A 176 -10.50 -1.69 12.61
N PHE A 177 -10.97 -2.91 12.37
CA PHE A 177 -12.37 -3.25 12.47
C PHE A 177 -12.54 -4.38 13.48
N SER A 178 -13.51 -4.23 14.37
CA SER A 178 -13.94 -5.35 15.20
C SER A 178 -15.10 -6.05 14.52
N ILE A 179 -15.00 -7.37 14.37
CA ILE A 179 -16.01 -8.14 13.65
C ILE A 179 -16.52 -9.27 14.54
N LYS A 180 -17.84 -9.41 14.61
CA LYS A 180 -18.50 -10.53 15.30
C LYS A 180 -19.34 -11.31 14.30
N TYR A 181 -19.31 -12.63 14.39
CA TYR A 181 -20.03 -13.45 13.41
C TYR A 181 -20.68 -14.72 13.98
N GLU A 182 -21.77 -15.14 13.33
CA GLU A 182 -22.54 -16.35 13.65
C GLU A 182 -21.66 -17.58 13.89
N MET B 1 8.39 -6.32 7.25
CA MET B 1 9.14 -6.24 5.96
C MET B 1 10.08 -7.42 5.78
N TYR B 2 10.51 -7.63 4.54
CA TYR B 2 11.40 -8.73 4.25
C TYR B 2 12.76 -8.60 4.95
N GLY B 3 13.27 -9.75 5.41
CA GLY B 3 14.46 -9.81 6.24
C GLY B 3 15.62 -8.98 5.74
N LEU B 4 15.67 -8.82 4.43
CA LEU B 4 16.72 -8.05 3.78
C LEU B 4 16.81 -6.63 4.34
N VAL B 5 15.66 -6.04 4.65
CA VAL B 5 15.62 -4.69 5.22
C VAL B 5 16.22 -4.66 6.63
N ASN B 6 15.90 -5.67 7.42
CA ASN B 6 16.42 -5.76 8.78
C ASN B 6 17.91 -6.11 8.84
N LYS B 7 18.37 -6.93 7.88
CA LYS B 7 19.79 -7.23 7.73
C LYS B 7 20.56 -5.95 7.43
N ALA B 8 20.01 -5.13 6.53
CA ALA B 8 20.65 -3.89 6.14
C ALA B 8 20.79 -2.92 7.32
N ILE B 9 19.76 -2.84 8.17
CA ILE B 9 19.82 -1.98 9.35
C ILE B 9 20.91 -2.50 10.30
N GLN B 10 20.85 -3.79 10.63
CA GLN B 10 21.87 -4.43 11.43
C GLN B 10 23.27 -4.17 10.87
N ASP B 11 23.43 -4.41 9.58
CA ASP B 11 24.71 -4.24 8.92
C ASP B 11 25.22 -2.80 9.02
N MET B 12 24.32 -1.84 8.80
CA MET B 12 24.66 -0.43 8.86
C MET B 12 25.11 -0.07 10.28
N ILE B 13 24.37 -0.54 11.27
CA ILE B 13 24.67 -0.27 12.66
C ILE B 13 25.99 -0.92 13.08
N SER B 14 26.15 -2.21 12.79
CA SER B 14 27.39 -2.94 13.07
C SER B 14 28.61 -2.28 12.43
N LYS B 15 28.49 -1.88 11.17
CA LYS B 15 29.59 -1.25 10.43
C LYS B 15 29.99 0.08 11.08
N HIS B 16 29.01 0.95 11.31
CA HIS B 16 29.25 2.28 11.85
C HIS B 16 29.60 2.30 13.35
N HIS B 17 29.01 1.39 14.13
CA HIS B 17 29.09 1.48 15.61
C HIS B 17 29.56 0.22 16.36
N GLY B 18 29.89 -0.84 15.64
CA GLY B 18 30.41 -2.07 16.26
C GLY B 18 29.37 -3.03 16.81
N GLU B 19 29.82 -4.26 17.08
CA GLU B 19 28.96 -5.36 17.56
C GLU B 19 28.29 -5.13 18.91
N ASP B 20 29.02 -4.55 19.85
CA ASP B 20 28.51 -4.32 21.20
C ASP B 20 27.31 -3.37 21.17
N THR B 21 27.46 -2.27 20.44
CA THR B 21 26.38 -1.31 20.24
C THR B 21 25.17 -1.99 19.60
N TRP B 22 25.41 -2.71 18.50
CA TRP B 22 24.34 -3.47 17.84
C TRP B 22 23.60 -4.40 18.81
N GLU B 23 24.36 -5.10 19.66
CA GLU B 23 23.79 -6.04 20.64
C GLU B 23 22.86 -5.37 21.64
N ALA B 24 23.24 -4.17 22.07
CA ALA B 24 22.42 -3.36 22.98
C ALA B 24 21.08 -3.02 22.33
N ILE B 25 21.14 -2.61 21.06
CA ILE B 25 19.95 -2.30 20.26
C ILE B 25 19.10 -3.55 20.08
N LYS B 26 19.74 -4.63 19.62
CA LYS B 26 19.09 -5.92 19.44
C LYS B 26 18.29 -6.31 20.69
N GLN B 27 18.91 -6.13 21.85
CA GLN B 27 18.29 -6.44 23.15
C GLN B 27 17.12 -5.49 23.46
N LYS B 28 17.37 -4.19 23.31
CA LYS B 28 16.37 -3.16 23.53
C LYS B 28 15.10 -3.34 22.67
N ALA B 29 15.30 -3.79 21.43
CA ALA B 29 14.18 -4.00 20.48
C ALA B 29 13.34 -5.22 20.80
N GLY B 30 13.86 -6.11 21.65
CA GLY B 30 13.14 -7.32 22.05
C GLY B 30 13.37 -8.48 21.10
N LEU B 31 14.56 -8.54 20.52
CA LEU B 31 14.87 -9.51 19.48
C LEU B 31 16.07 -10.38 19.86
N GLU B 32 16.06 -10.85 21.10
CA GLU B 32 17.15 -11.69 21.64
C GLU B 32 17.12 -13.11 21.08
N ASP B 33 15.93 -13.59 20.73
CA ASP B 33 15.71 -14.97 20.28
C ASP B 33 16.16 -15.25 18.83
N ILE B 34 16.61 -14.19 18.15
CA ILE B 34 16.94 -14.26 16.73
C ILE B 34 18.44 -14.08 16.52
N ASP B 35 19.10 -15.15 16.08
CA ASP B 35 20.56 -15.14 15.88
C ASP B 35 20.95 -14.33 14.63
N PHE B 36 20.05 -14.34 13.65
CA PHE B 36 20.29 -13.69 12.36
C PHE B 36 18.95 -13.48 11.65
N PHE B 37 18.88 -12.46 10.80
CA PHE B 37 17.73 -12.28 9.93
C PHE B 37 17.90 -13.09 8.65
N VAL B 38 16.81 -13.71 8.20
CA VAL B 38 16.77 -14.44 6.94
C VAL B 38 16.26 -13.50 5.84
N GLY B 39 17.14 -13.16 4.90
CA GLY B 39 16.92 -12.12 3.89
C GLY B 39 15.68 -12.25 3.01
N MET B 40 15.28 -13.49 2.69
CA MET B 40 14.15 -13.73 1.80
C MET B 40 12.88 -14.14 2.57
N GLU B 41 12.91 -13.99 3.89
CA GLU B 41 11.77 -14.32 4.75
C GLU B 41 11.02 -13.04 5.11
N ALA B 42 9.71 -13.16 5.26
CA ALA B 42 8.86 -12.05 5.70
C ALA B 42 8.83 -11.94 7.22
N TYR B 43 9.08 -10.74 7.72
CA TYR B 43 8.92 -10.41 9.15
C TYR B 43 7.76 -9.45 9.31
N SER B 44 7.22 -9.37 10.51
CA SER B 44 6.24 -8.35 10.84
C SER B 44 6.91 -6.96 10.85
N ASP B 45 6.23 -5.94 10.34
CA ASP B 45 6.78 -4.58 10.30
C ASP B 45 7.30 -4.14 11.68
N ASP B 46 6.68 -4.66 12.74
CA ASP B 46 7.03 -4.36 14.12
C ASP B 46 8.53 -4.50 14.38
N VAL B 47 9.13 -5.54 13.79
CA VAL B 47 10.56 -5.81 13.96
C VAL B 47 11.37 -4.60 13.52
N THR B 48 11.03 -4.02 12.37
CA THR B 48 11.74 -2.89 11.80
C THR B 48 11.54 -1.64 12.66
N TYR B 49 10.29 -1.37 13.03
CA TYR B 49 9.96 -0.20 13.88
C TYR B 49 10.61 -0.30 15.25
N HIS B 50 10.54 -1.49 15.88
CA HIS B 50 11.23 -1.72 17.16
C HIS B 50 12.74 -1.53 17.05
N LEU B 51 13.35 -2.08 16.00
CA LEU B 51 14.78 -1.88 15.72
C LEU B 51 15.15 -0.42 15.63
N VAL B 52 14.42 0.34 14.81
CA VAL B 52 14.67 1.77 14.64
C VAL B 52 14.52 2.55 15.96
N GLY B 53 13.40 2.32 16.66
CA GLY B 53 13.14 2.95 17.97
C GLY B 53 14.27 2.72 18.97
N ALA B 54 14.56 1.45 19.23
CA ALA B 54 15.68 1.04 20.08
C ALA B 54 17.00 1.73 19.70
N ALA B 55 17.33 1.69 18.41
CA ALA B 55 18.56 2.29 17.91
C ALA B 55 18.59 3.81 18.12
N SER B 56 17.41 4.41 18.22
CA SER B 56 17.29 5.85 18.48
C SER B 56 17.72 6.17 19.90
N GLU B 57 17.17 5.42 20.87
CA GLU B 57 17.51 5.57 22.28
C GLU B 57 19.00 5.38 22.48
N VAL B 58 19.49 4.19 22.11
CA VAL B 58 20.86 3.76 22.34
C VAL B 58 21.92 4.69 21.71
N LEU B 59 21.62 5.24 20.54
CA LEU B 59 22.60 6.05 19.83
C LEU B 59 22.49 7.55 20.11
N GLY B 60 21.36 7.96 20.66
CA GLY B 60 21.09 9.37 20.91
C GLY B 60 20.96 10.14 19.61
N LYS B 61 20.18 9.56 18.69
CA LYS B 61 19.80 10.22 17.44
C LYS B 61 18.31 9.98 17.22
N PRO B 62 17.61 10.95 16.59
CA PRO B 62 16.19 10.72 16.32
C PRO B 62 15.98 9.63 15.25
N ALA B 63 14.85 8.92 15.35
CA ALA B 63 14.43 7.93 14.38
C ALA B 63 14.61 8.43 12.94
N GLU B 64 14.13 9.65 12.69
CA GLU B 64 14.21 10.31 11.39
C GLU B 64 15.62 10.30 10.78
N GLU B 65 16.64 10.56 11.59
CA GLU B 65 18.03 10.54 11.10
C GLU B 65 18.54 9.14 10.84
N LEU B 66 17.98 8.15 11.54
CA LEU B 66 18.37 6.77 11.31
C LEU B 66 17.74 6.31 10.00
N LEU B 67 16.46 6.61 9.83
CA LEU B 67 15.77 6.27 8.59
C LEU B 67 16.48 6.89 7.38
N ILE B 68 16.89 8.15 7.51
CA ILE B 68 17.63 8.83 6.44
C ILE B 68 18.97 8.13 6.14
N ALA B 69 19.67 7.73 7.20
CA ALA B 69 20.97 7.08 7.03
C ALA B 69 20.77 5.72 6.37
N PHE B 70 19.76 4.99 6.82
CA PHE B 70 19.41 3.71 6.23
C PHE B 70 19.09 3.85 4.74
N GLY B 71 18.28 4.86 4.41
CA GLY B 71 17.97 5.22 3.04
C GLY B 71 19.19 5.36 2.14
N GLU B 72 20.18 6.14 2.58
CA GLU B 72 21.42 6.27 1.80
C GLU B 72 22.24 4.98 1.76
N TYR B 73 22.28 4.27 2.88
CA TYR B 73 22.99 3.00 2.98
C TYR B 73 22.47 1.95 1.99
N TRP B 74 21.16 1.92 1.81
CA TRP B 74 20.49 0.87 1.06
C TRP B 74 20.96 0.77 -0.39
N VAL B 75 21.11 1.92 -1.05
CA VAL B 75 21.51 1.94 -2.46
C VAL B 75 22.84 1.20 -2.66
N THR B 76 23.81 1.43 -1.77
CA THR B 76 25.08 0.74 -1.84
C THR B 76 24.95 -0.73 -1.40
N TYR B 77 24.26 -0.95 -0.29
CA TYR B 77 24.09 -2.28 0.27
C TYR B 77 23.49 -3.29 -0.73
N THR B 78 22.38 -2.91 -1.37
CA THR B 78 21.75 -3.79 -2.37
C THR B 78 22.69 -4.20 -3.51
N SER B 79 23.43 -3.23 -4.05
CA SER B 79 24.35 -3.49 -5.17
C SER B 79 25.44 -4.48 -4.79
N GLU B 80 25.60 -4.74 -3.50
CA GLU B 80 26.67 -5.61 -3.01
C GLU B 80 26.13 -6.90 -2.39
N GLU B 81 24.81 -7.03 -2.35
CA GLU B 81 24.18 -8.18 -1.72
C GLU B 81 23.28 -8.92 -2.70
N GLY B 82 23.54 -8.77 -4.00
CA GLY B 82 22.80 -9.53 -5.02
C GLY B 82 21.85 -8.77 -5.95
N TYR B 83 21.89 -7.45 -5.89
CA TYR B 83 20.98 -6.61 -6.66
C TYR B 83 21.69 -5.61 -7.56
N GLY B 84 22.99 -5.80 -7.75
CA GLY B 84 23.80 -4.95 -8.64
C GLY B 84 23.29 -4.86 -10.07
N GLU B 85 22.93 -6.00 -10.67
CA GLU B 85 22.41 -6.01 -12.05
C GLU B 85 21.03 -5.37 -12.12
N LEU B 86 20.19 -5.70 -11.13
CA LEU B 86 18.86 -5.12 -11.06
C LEU B 86 18.92 -3.58 -10.99
N LEU B 87 19.74 -3.05 -10.09
CA LEU B 87 19.96 -1.61 -10.01
C LEU B 87 20.36 -1.02 -11.37
N ALA B 88 21.36 -1.64 -12.00
CA ALA B 88 21.86 -1.17 -13.30
C ALA B 88 20.77 -1.19 -14.37
N SER B 89 19.90 -2.18 -14.35
CA SER B 89 18.82 -2.27 -15.33
C SER B 89 17.77 -1.15 -15.17
N ALA B 90 17.78 -0.47 -14.03
CA ALA B 90 16.80 0.59 -13.75
C ALA B 90 17.19 1.96 -14.31
N GLY B 91 18.38 2.09 -14.87
CA GLY B 91 18.71 3.29 -15.62
C GLY B 91 20.03 3.98 -15.33
N ASP B 92 20.31 5.00 -16.12
CA ASP B 92 21.59 5.70 -16.12
C ASP B 92 21.51 7.06 -15.43
N SER B 93 20.31 7.44 -14.99
CA SER B 93 20.12 8.75 -14.36
C SER B 93 19.03 8.71 -13.30
N LEU B 94 19.00 9.71 -12.43
CA LEU B 94 18.01 9.77 -11.36
C LEU B 94 16.56 9.84 -11.89
N PRO B 95 16.29 10.72 -12.87
CA PRO B 95 14.89 10.74 -13.33
C PRO B 95 14.45 9.42 -13.98
N GLU B 96 15.32 8.81 -14.78
CA GLU B 96 14.97 7.52 -15.37
C GLU B 96 14.81 6.43 -14.29
N PHE B 97 15.75 6.36 -13.36
CA PHE B 97 15.68 5.39 -12.26
C PHE B 97 14.34 5.49 -11.51
N MET B 98 13.94 6.72 -11.16
CA MET B 98 12.68 6.96 -10.46
C MET B 98 11.43 6.54 -11.25
N GLU B 99 11.48 6.67 -12.58
CA GLU B 99 10.40 6.16 -13.44
C GLU B 99 10.32 4.63 -13.41
N ASN B 100 11.47 3.96 -13.31
CA ASN B 100 11.55 2.49 -13.31
C ASN B 100 11.39 1.90 -11.92
N LEU B 101 11.11 2.75 -10.93
CA LEU B 101 11.15 2.29 -9.55
C LEU B 101 10.10 1.21 -9.24
N ASP B 102 8.86 1.43 -9.65
CA ASP B 102 7.79 0.46 -9.40
C ASP B 102 8.14 -0.87 -10.06
N ASN B 103 8.57 -0.78 -11.32
CA ASN B 103 9.03 -1.92 -12.08
C ASN B 103 10.18 -2.68 -11.43
N LEU B 104 11.11 -1.94 -10.82
CA LEU B 104 12.19 -2.55 -10.04
C LEU B 104 11.62 -3.33 -8.84
N HIS B 105 10.77 -2.69 -8.05
CA HIS B 105 10.15 -3.38 -6.91
C HIS B 105 9.30 -4.58 -7.34
N ALA B 106 8.62 -4.48 -8.48
CA ALA B 106 7.87 -5.59 -9.06
C ALA B 106 8.75 -6.77 -9.45
N ARG B 107 9.97 -6.49 -9.91
CA ARG B 107 10.93 -7.52 -10.27
C ARG B 107 11.47 -8.23 -9.04
N VAL B 108 11.69 -7.47 -7.96
CA VAL B 108 11.99 -8.03 -6.64
C VAL B 108 10.81 -8.92 -6.23
N GLY B 109 9.60 -8.40 -6.42
CA GLY B 109 8.34 -9.04 -6.00
C GLY B 109 7.92 -10.33 -6.69
N LEU B 110 8.53 -10.65 -7.83
CA LEU B 110 8.36 -11.94 -8.48
C LEU B 110 8.90 -13.05 -7.58
N SER B 111 9.98 -12.72 -6.88
CA SER B 111 10.68 -13.63 -5.99
C SER B 111 10.18 -13.54 -4.56
N PHE B 112 10.03 -12.31 -4.05
CA PHE B 112 9.41 -12.05 -2.75
C PHE B 112 7.89 -11.90 -2.99
N PRO B 113 7.09 -12.96 -2.72
CA PRO B 113 5.65 -12.89 -3.03
C PRO B 113 4.76 -12.09 -2.05
N GLN B 114 5.15 -12.02 -0.78
CA GLN B 114 4.42 -11.22 0.24
C GLN B 114 4.98 -9.80 0.37
N LEU B 115 5.53 -9.29 -0.74
CA LEU B 115 6.06 -7.94 -0.78
C LEU B 115 4.92 -6.93 -0.83
N ARG B 116 5.00 -5.89 0.01
CA ARG B 116 4.09 -4.78 -0.07
C ARG B 116 4.92 -3.56 -0.45
N PRO B 117 5.30 -3.45 -1.73
CA PRO B 117 6.23 -2.38 -2.09
C PRO B 117 5.47 -1.04 -2.15
N PRO B 118 6.18 0.08 -2.07
CA PRO B 118 5.46 1.34 -2.21
C PRO B 118 5.30 1.69 -3.69
N ALA B 119 4.56 2.73 -3.97
CA ALA B 119 4.38 3.21 -5.33
C ALA B 119 4.90 4.64 -5.46
N PHE B 120 5.68 4.88 -6.50
CA PHE B 120 6.27 6.17 -6.79
C PHE B 120 5.88 6.67 -8.16
N GLU B 121 5.23 7.83 -8.21
CA GLU B 121 4.84 8.48 -9.45
C GLU B 121 5.61 9.79 -9.65
N CYS B 122 6.26 9.94 -10.79
CA CYS B 122 6.98 11.16 -11.13
C CYS B 122 6.15 12.09 -12.00
N GLN B 123 6.12 13.37 -11.64
CA GLN B 123 5.63 14.43 -12.52
C GLN B 123 6.76 15.39 -12.82
N HIS B 124 7.33 15.26 -14.01
CA HIS B 124 8.45 16.09 -14.42
C HIS B 124 8.00 17.53 -14.67
N THR B 125 8.68 18.47 -14.01
CA THR B 125 8.37 19.89 -14.10
C THR B 125 9.39 20.62 -14.98
N SER B 126 10.50 19.95 -15.28
CA SER B 126 11.52 20.41 -16.22
C SER B 126 12.52 19.29 -16.44
N SER B 127 13.58 19.54 -17.19
CA SER B 127 14.60 18.52 -17.42
C SER B 127 15.50 18.32 -16.21
N LYS B 128 15.37 19.21 -15.22
CA LYS B 128 16.22 19.17 -14.03
C LYS B 128 15.45 19.05 -12.70
N SER B 129 14.13 18.89 -12.78
CA SER B 129 13.30 18.89 -11.57
C SER B 129 12.03 18.07 -11.75
N MET B 130 11.51 17.53 -10.66
CA MET B 130 10.24 16.80 -10.69
C MET B 130 9.46 16.89 -9.36
N GLU B 131 8.20 16.48 -9.41
CA GLU B 131 7.41 16.31 -8.19
C GLU B 131 7.17 14.80 -8.01
N LEU B 132 7.65 14.27 -6.89
CA LEU B 132 7.57 12.85 -6.62
C LEU B 132 6.45 12.50 -5.64
N HIS B 133 5.58 11.58 -6.04
CA HIS B 133 4.47 11.10 -5.20
C HIS B 133 4.76 9.72 -4.61
N TYR B 134 4.71 9.63 -3.29
CA TYR B 134 5.07 8.43 -2.57
C TYR B 134 3.84 7.88 -1.85
N GLN B 135 3.39 6.71 -2.29
CA GLN B 135 2.23 6.05 -1.68
C GLN B 135 2.63 4.70 -1.11
N SER B 136 2.21 4.46 0.12
CA SER B 136 2.64 3.31 0.88
C SER B 136 1.48 2.76 1.70
N THR B 137 1.60 1.49 2.09
CA THR B 137 0.67 0.88 3.03
C THR B 137 1.15 1.11 4.46
N ARG B 138 2.31 1.74 4.60
CA ARG B 138 2.96 1.93 5.91
C ARG B 138 3.15 3.40 6.31
N CYS B 139 3.36 3.64 7.61
CA CYS B 139 3.54 5.00 8.15
C CYS B 139 4.97 5.32 8.47
N GLY B 140 5.31 6.61 8.38
CA GLY B 140 6.53 7.15 8.95
C GLY B 140 7.82 6.84 8.21
N LEU B 141 7.71 6.37 6.96
CA LEU B 141 8.90 6.00 6.20
C LEU B 141 9.40 7.05 5.21
N ALA B 142 8.72 8.19 5.12
CA ALA B 142 9.17 9.30 4.26
C ALA B 142 10.65 9.71 4.43
N PRO B 143 11.17 9.77 5.68
CA PRO B 143 12.60 10.09 5.82
C PRO B 143 13.52 9.10 5.08
N MET B 144 13.13 7.83 5.02
CA MET B 144 13.89 6.81 4.30
C MET B 144 14.01 7.21 2.81
N VAL B 145 12.90 7.69 2.24
CA VAL B 145 12.88 8.17 0.86
C VAL B 145 13.90 9.28 0.61
N LEU B 146 14.03 10.20 1.55
CA LEU B 146 15.04 11.26 1.43
C LEU B 146 16.46 10.70 1.36
N GLY B 147 16.76 9.70 2.19
CA GLY B 147 18.05 9.04 2.15
C GLY B 147 18.30 8.31 0.84
N LEU B 148 17.29 7.56 0.39
CA LEU B 148 17.38 6.81 -0.85
C LEU B 148 17.66 7.73 -2.03
N LEU B 149 16.95 8.85 -2.07
CA LEU B 149 17.15 9.84 -3.10
C LEU B 149 18.57 10.41 -3.06
N HIS B 150 19.11 10.59 -1.87
CA HIS B 150 20.51 11.03 -1.78
C HIS B 150 21.49 9.94 -2.17
N GLY B 151 21.16 8.69 -1.85
CA GLY B 151 21.91 7.54 -2.34
C GLY B 151 21.96 7.53 -3.85
N LEU B 152 20.82 7.76 -4.49
CA LEU B 152 20.77 7.80 -5.94
C LEU B 152 21.61 8.97 -6.46
N GLY B 153 21.59 10.07 -5.74
CA GLY B 153 22.43 11.22 -6.06
C GLY B 153 23.89 10.84 -6.13
N LYS B 154 24.37 10.14 -5.11
CA LYS B 154 25.73 9.63 -5.09
C LYS B 154 25.97 8.66 -6.25
N ARG B 155 25.07 7.69 -6.41
CA ARG B 155 25.18 6.68 -7.46
C ARG B 155 25.33 7.28 -8.87
N PHE B 156 24.54 8.29 -9.18
CA PHE B 156 24.57 8.91 -10.50
C PHE B 156 25.43 10.18 -10.56
N GLN B 157 26.28 10.36 -9.55
CA GLN B 157 27.10 11.56 -9.40
C GLN B 157 26.33 12.85 -9.75
N THR B 158 25.18 13.01 -9.08
CA THR B 158 24.24 14.08 -9.35
C THR B 158 23.98 14.81 -8.04
N LYS B 159 23.87 16.13 -8.12
CA LYS B 159 23.47 16.94 -6.97
C LYS B 159 21.96 16.89 -6.88
N VAL B 160 21.45 16.47 -5.72
CA VAL B 160 20.01 16.34 -5.52
C VAL B 160 19.57 17.29 -4.41
N GLU B 161 18.60 18.13 -4.73
CA GLU B 161 17.95 18.94 -3.73
C GLU B 161 16.54 18.44 -3.58
N VAL B 162 16.17 18.06 -2.37
CA VAL B 162 14.86 17.47 -2.13
C VAL B 162 14.19 17.97 -0.86
N THR B 163 12.93 18.38 -1.00
CA THR B 163 12.12 18.86 0.12
C THR B 163 10.71 18.25 0.07
N GLN B 164 10.22 17.82 1.23
CA GLN B 164 8.89 17.22 1.34
C GLN B 164 7.82 18.30 1.44
N THR B 165 6.84 18.24 0.54
CA THR B 165 5.82 19.30 0.42
C THR B 165 4.42 18.86 0.84
N ALA B 166 4.24 17.56 1.09
CA ALA B 166 2.97 17.02 1.60
C ALA B 166 3.26 15.86 2.54
N PHE B 167 2.45 15.73 3.58
CA PHE B 167 2.70 14.74 4.63
C PHE B 167 1.50 13.83 4.91
N ARG B 168 1.70 12.54 4.65
CA ARG B 168 0.72 11.48 4.94
C ARG B 168 0.19 11.58 6.38
N GLU B 169 1.09 11.69 7.35
CA GLU B 169 0.72 11.70 8.76
C GLU B 169 -0.22 12.85 9.17
N THR B 170 -0.22 13.95 8.42
CA THR B 170 -1.09 15.09 8.73
C THR B 170 -2.42 15.03 7.96
N GLY B 171 -2.84 13.83 7.57
CA GLY B 171 -4.12 13.66 6.91
C GLY B 171 -4.19 14.13 5.48
N GLU B 172 -3.05 14.50 4.89
CA GLU B 172 -2.97 14.72 3.45
C GLU B 172 -2.97 13.34 2.79
N ASP B 173 -3.39 13.28 1.54
CA ASP B 173 -3.54 12.00 0.84
C ASP B 173 -2.30 11.09 0.97
N HIS B 174 -1.16 11.60 0.51
CA HIS B 174 0.11 10.87 0.54
C HIS B 174 1.28 11.85 0.62
N ASP B 175 2.46 11.34 0.94
CA ASP B 175 3.68 12.13 0.94
C ASP B 175 4.03 12.57 -0.47
N ILE B 176 4.40 13.85 -0.61
CA ILE B 176 4.89 14.40 -1.88
C ILE B 176 6.24 15.11 -1.65
N PHE B 177 7.13 15.02 -2.64
CA PHE B 177 8.44 15.67 -2.57
C PHE B 177 8.71 16.50 -3.82
N SER B 178 9.34 17.66 -3.65
CA SER B 178 9.89 18.40 -4.79
C SER B 178 11.39 18.18 -4.86
N ILE B 179 11.87 17.86 -6.06
CA ILE B 179 13.25 17.46 -6.27
C ILE B 179 13.87 18.29 -7.39
N LYS B 180 15.09 18.78 -7.18
CA LYS B 180 15.89 19.40 -8.22
C LYS B 180 17.19 18.65 -8.31
N TYR B 181 17.64 18.36 -9.53
CA TYR B 181 18.85 17.55 -9.75
C TYR B 181 19.81 18.17 -10.76
N GLU B 182 21.09 17.80 -10.66
CA GLU B 182 22.25 18.52 -11.23
C GLU B 182 21.95 19.78 -12.04
CHA HEM C . -9.35 -3.29 -4.23
CHB HEM C . -10.09 -7.47 -6.65
CHC HEM C . -12.42 -9.15 -2.75
CHD HEM C . -10.88 -5.36 -0.05
C1A HEM C . -9.36 -4.29 -5.21
C2A HEM C . -8.87 -4.13 -6.56
C3A HEM C . -9.09 -5.26 -7.23
C4A HEM C . -9.72 -6.19 -6.32
CMA HEM C . -8.74 -5.61 -8.70
CAA HEM C . -8.23 -2.84 -7.12
CBA HEM C . -6.76 -2.79 -6.70
CGA HEM C . -5.99 -1.85 -7.58
O1A HEM C . -6.47 -1.54 -8.71
O2A HEM C . -4.89 -1.39 -7.17
C1B HEM C . -10.86 -8.25 -5.82
C2B HEM C . -11.53 -9.46 -6.21
C3B HEM C . -12.18 -9.92 -5.15
C4B HEM C . -11.94 -9.04 -4.03
CMB HEM C . -11.49 -10.08 -7.64
CAB HEM C . -13.03 -11.20 -5.11
CBB HEM C . -12.76 -12.17 -6.00
C1C HEM C . -12.21 -8.27 -1.71
C2C HEM C . -12.75 -8.44 -0.37
C3C HEM C . -12.34 -7.43 0.40
C4C HEM C . -11.51 -6.54 -0.43
CMC HEM C . -13.66 -9.60 0.09
CAC HEM C . -12.76 -7.31 1.88
CBC HEM C . -12.25 -6.46 2.76
C1D HEM C . -10.47 -4.36 -0.92
C2D HEM C . -10.31 -2.94 -0.64
C3D HEM C . -9.82 -2.29 -1.95
C4D HEM C . -9.74 -3.38 -2.90
CMD HEM C . -10.57 -2.21 0.70
CAD HEM C . -9.51 -0.79 -2.20
CBD HEM C . -8.06 -0.58 -2.62
CGD HEM C . -7.19 -0.18 -1.44
O1D HEM C . -7.67 -0.21 -0.28
O2D HEM C . -6.01 0.17 -1.69
NA HEM C . -9.89 -5.57 -5.08
NB HEM C . -11.12 -8.01 -4.49
NC HEM C . -11.46 -7.10 -1.70
ND HEM C . -10.13 -4.56 -2.26
FE HEM C . -10.69 -6.32 -3.38
C CMO D . -12.17 -5.23 -3.67
O CMO D . -13.21 -4.75 -3.61
CHA HEM E . 10.62 -1.13 0.54
CHB HEM E . 13.67 -3.72 -2.26
CHC HEM E . 15.39 0.38 -4.06
CHD HEM E . 11.89 2.99 -1.84
C1A HEM E . 11.36 -2.17 -0.02
C2A HEM E . 11.34 -3.57 0.43
C3A HEM E . 12.19 -4.26 -0.36
C4A HEM E . 12.76 -3.35 -1.31
CMA HEM E . 12.54 -5.77 -0.32
CAA HEM E . 10.48 -4.11 1.59
CBA HEM E . 9.02 -4.22 1.13
CGA HEM E . 8.23 -5.23 1.92
O1A HEM E . 8.80 -5.99 2.74
O2A HEM E . 6.98 -5.29 1.73
C1B HEM E . 14.43 -2.83 -2.95
C2B HEM E . 15.57 -3.18 -3.78
C3B HEM E . 16.04 -2.03 -4.28
C4B HEM E . 15.23 -0.95 -3.79
CMB HEM E . 16.11 -4.62 -4.00
CAB HEM E . 17.25 -1.86 -5.22
CBB HEM E . 17.41 -2.70 -6.26
C1C HEM E . 14.59 1.42 -3.64
C2C HEM E . 14.75 2.79 -4.03
C3C HEM E . 13.81 3.54 -3.44
C4C HEM E . 12.99 2.65 -2.63
CMC HEM E . 15.86 3.29 -4.98
CAC HEM E . 13.69 5.07 -3.66
CBC HEM E . 12.73 5.80 -3.12
C1D HEM E . 11.32 2.17 -0.87
C2D HEM E . 10.52 2.60 0.27
C3D HEM E . 10.13 1.32 1.02
C4D HEM E . 10.71 0.23 0.25
CMD HEM E . 10.16 4.03 0.67
CAD HEM E . 9.29 1.24 2.32
CBD HEM E . 8.15 0.24 2.15
CGD HEM E . 6.82 0.95 2.15
O1D HEM E . 6.75 2.16 1.85
O2D HEM E . 5.81 0.26 2.48
NA HEM E . 12.24 -2.08 -1.09
NB HEM E . 14.24 -1.47 -2.97
NC HEM E . 13.50 1.36 -2.78
ND HEM E . 11.40 0.77 -0.83
FE HEM E . 12.82 -0.32 -1.89
C CMO F . 13.80 0.07 -0.37
O CMO F . 14.59 0.29 0.43
#